data_6QJW
#
_entry.id   6QJW
#
_cell.length_a   68.138
_cell.length_b   68.138
_cell.length_c   180.917
_cell.angle_alpha   90.00
_cell.angle_beta   90.00
_cell.angle_gamma   90.00
#
_symmetry.space_group_name_H-M   'I 41 2 2'
#
loop_
_entity.id
_entity.type
_entity.pdbx_description
1 polymer 'Tetracycline repressor protein class D'
2 non-polymer 7-CHLOROTETRACYCLINE
3 non-polymer 'MAGNESIUM ION'
4 non-polymer 'CHLORIDE ION'
5 water water
#
_entity_poly.entity_id   1
_entity_poly.type   'polypeptide(L)'
_entity_poly.pdbx_seq_one_letter_code
;SRLNRESVIDAALELLNETGIDGLTTRKLAQKLGIEQPTLYWHVKNKRALLDALAVEILARHHDYSLPAAGESWQSFLRN
NAMSFRRALLRYRDGAKVHLGARPDEKQYDTVETQLRFMTENGFSLRDGLYAISAVSHFTLGAVLEQQEHTAALTDRPAA
PDENLPPLLREALQIMDSDDGEQAFLHGLESLIRGFEVQLTALLQIV
;
_entity_poly.pdbx_strand_id   A
#
loop_
_chem_comp.id
_chem_comp.type
_chem_comp.name
_chem_comp.formula
CL non-polymer 'CHLORIDE ION' 'Cl -1'
CTC non-polymer 7-CHLOROTETRACYCLINE 'C22 H23 Cl N2 O8'
MG non-polymer 'MAGNESIUM ION' 'Mg 2'
#
# COMPACT_ATOMS: atom_id res chain seq x y z
N SER A 1 -30.20 -1.01 -0.73
CA SER A 1 -29.67 0.36 -0.96
C SER A 1 -29.16 0.44 -2.41
N ARG A 2 -28.51 1.53 -2.81
CA ARG A 2 -27.94 1.65 -4.17
C ARG A 2 -26.85 0.60 -4.32
N LEU A 3 -26.77 -0.07 -5.48
CA LEU A 3 -25.67 -1.02 -5.75
C LEU A 3 -24.88 -0.62 -7.00
N ASN A 4 -24.81 0.67 -7.33
CA ASN A 4 -23.70 1.18 -8.18
C ASN A 4 -22.35 0.78 -7.55
N ARG A 5 -21.36 0.50 -8.39
CA ARG A 5 -19.93 0.31 -8.03
C ARG A 5 -19.48 1.14 -6.81
N GLU A 6 -19.65 2.46 -6.83
N GLU A 6 -19.56 2.47 -6.89
CA GLU A 6 -19.00 3.34 -5.82
CA GLU A 6 -19.07 3.38 -5.81
C GLU A 6 -19.74 3.16 -4.47
C GLU A 6 -19.70 2.86 -4.51
N SER A 7 -21.03 2.78 -4.47
CA SER A 7 -21.78 2.46 -3.24
C SER A 7 -21.31 1.10 -2.70
N VAL A 8 -21.17 0.11 -3.59
CA VAL A 8 -20.76 -1.26 -3.15
C VAL A 8 -19.38 -1.13 -2.47
N ILE A 9 -18.44 -0.40 -3.09
CA ILE A 9 -17.06 -0.22 -2.59
C ILE A 9 -17.14 0.52 -1.23
N ASP A 10 -17.92 1.57 -1.16
CA ASP A 10 -18.14 2.29 0.13
C ASP A 10 -18.53 1.25 1.18
N ALA A 11 -19.50 0.38 0.91
CA ALA A 11 -20.02 -0.51 1.96
C ALA A 11 -18.95 -1.54 2.32
N ALA A 12 -18.30 -2.10 1.30
CA ALA A 12 -17.25 -3.11 1.51
C ALA A 12 -16.07 -2.56 2.37
N LEU A 13 -15.65 -1.32 2.13
CA LEU A 13 -14.55 -0.71 2.95
C LEU A 13 -15.00 -0.59 4.41
N GLU A 14 -16.24 -0.13 4.61
CA GLU A 14 -16.88 0.01 5.94
C GLU A 14 -16.90 -1.38 6.58
N LEU A 15 -17.26 -2.43 5.83
CA LEU A 15 -17.28 -3.83 6.33
C LEU A 15 -15.85 -4.25 6.70
N LEU A 16 -14.84 -3.78 5.96
CA LEU A 16 -13.47 -4.33 6.14
C LEU A 16 -12.91 -3.82 7.49
N ASN A 17 -13.28 -2.59 7.86
CA ASN A 17 -12.90 -1.94 9.13
C ASN A 17 -13.58 -2.67 10.31
N GLU A 18 -14.81 -3.12 10.11
CA GLU A 18 -15.57 -3.91 11.13
C GLU A 18 -15.00 -5.31 11.28
N THR A 19 -14.72 -6.02 10.20
CA THR A 19 -14.38 -7.48 10.27
C THR A 19 -12.89 -7.78 10.16
N GLY A 20 -12.10 -6.93 9.51
CA GLY A 20 -10.76 -7.28 9.00
C GLY A 20 -10.90 -8.18 7.79
N ILE A 21 -9.79 -8.38 7.08
CA ILE A 21 -9.81 -9.02 5.75
C ILE A 21 -10.34 -10.46 5.86
N ASP A 22 -9.98 -11.17 6.94
CA ASP A 22 -10.26 -12.63 7.07
C ASP A 22 -11.76 -12.84 7.23
N GLY A 23 -12.45 -11.94 7.95
CA GLY A 23 -13.89 -11.99 8.23
C GLY A 23 -14.80 -11.26 7.23
N LEU A 24 -14.24 -10.46 6.32
CA LEU A 24 -14.96 -9.90 5.16
C LEU A 24 -15.46 -11.05 4.30
N THR A 25 -16.78 -11.23 4.20
CA THR A 25 -17.43 -12.22 3.32
C THR A 25 -18.46 -11.49 2.45
N THR A 26 -18.76 -12.01 1.26
CA THR A 26 -19.91 -11.55 0.43
C THR A 26 -21.19 -11.70 1.23
N ARG A 27 -21.37 -12.80 1.95
CA ARG A 27 -22.58 -12.97 2.80
C ARG A 27 -22.80 -11.76 3.73
N LYS A 28 -21.75 -11.33 4.43
CA LYS A 28 -21.84 -10.19 5.38
C LYS A 28 -22.02 -8.90 4.57
N LEU A 29 -21.48 -8.85 3.37
CA LEU A 29 -21.61 -7.63 2.53
C LEU A 29 -23.07 -7.53 2.08
N ALA A 30 -23.73 -8.63 1.73
CA ALA A 30 -25.15 -8.60 1.31
C ALA A 30 -26.05 -8.14 2.47
N GLN A 31 -25.84 -8.68 3.67
N GLN A 31 -25.90 -8.71 3.67
CA GLN A 31 -26.55 -8.31 4.94
CA GLN A 31 -26.66 -8.25 4.88
C GLN A 31 -26.45 -6.79 5.18
C GLN A 31 -26.48 -6.74 5.01
N LYS A 32 -25.24 -6.24 5.03
CA LYS A 32 -25.00 -4.80 5.29
C LYS A 32 -25.75 -3.97 4.25
N LEU A 33 -25.82 -4.42 3.00
CA LEU A 33 -26.49 -3.63 1.94
C LEU A 33 -28.02 -3.86 2.00
N GLY A 34 -28.54 -4.78 2.82
CA GLY A 34 -30.00 -5.11 2.88
C GLY A 34 -30.49 -5.93 1.67
N ILE A 35 -29.67 -6.83 1.16
CA ILE A 35 -30.02 -7.54 -0.09
C ILE A 35 -29.73 -9.03 0.12
N GLU A 36 -30.39 -9.85 -0.67
CA GLU A 36 -30.13 -11.30 -0.79
C GLU A 36 -28.82 -11.54 -1.57
N GLN A 37 -28.20 -12.66 -1.23
CA GLN A 37 -26.91 -13.10 -1.80
C GLN A 37 -26.96 -13.13 -3.31
N PRO A 38 -27.94 -13.73 -4.01
CA PRO A 38 -27.97 -13.66 -5.49
C PRO A 38 -28.09 -12.22 -6.06
N THR A 39 -28.71 -11.29 -5.37
CA THR A 39 -28.68 -9.87 -5.81
C THR A 39 -27.22 -9.38 -5.77
N LEU A 40 -26.50 -9.54 -4.65
CA LEU A 40 -25.09 -9.09 -4.54
C LEU A 40 -24.28 -9.69 -5.72
N TYR A 41 -24.52 -10.97 -6.03
CA TYR A 41 -23.69 -11.73 -7.00
C TYR A 41 -23.80 -11.07 -8.38
N TRP A 42 -24.93 -10.55 -8.79
CA TRP A 42 -25.04 -9.82 -10.07
C TRP A 42 -23.98 -8.71 -10.09
N HIS A 43 -23.72 -8.07 -8.93
CA HIS A 43 -22.80 -6.91 -8.78
C HIS A 43 -21.35 -7.32 -8.49
N VAL A 44 -21.17 -8.33 -7.64
CA VAL A 44 -19.85 -8.76 -7.11
C VAL A 44 -19.82 -10.29 -7.19
N LYS A 45 -18.91 -10.89 -7.91
CA LYS A 45 -18.98 -12.33 -8.20
C LYS A 45 -18.36 -13.13 -7.05
N ASN A 46 -17.37 -12.59 -6.36
CA ASN A 46 -16.67 -13.31 -5.28
C ASN A 46 -15.82 -12.34 -4.43
N LYS A 47 -15.27 -12.85 -3.34
CA LYS A 47 -14.38 -12.08 -2.44
C LYS A 47 -13.19 -11.57 -3.20
N ARG A 48 -12.55 -12.39 -4.04
CA ARG A 48 -11.33 -12.02 -4.79
C ARG A 48 -11.59 -10.77 -5.64
N ALA A 49 -12.67 -10.73 -6.42
CA ALA A 49 -12.95 -9.56 -7.29
C ALA A 49 -13.22 -8.35 -6.39
N LEU A 50 -13.85 -8.57 -5.23
CA LEU A 50 -14.14 -7.52 -4.24
C LEU A 50 -12.82 -6.93 -3.76
N LEU A 51 -11.89 -7.79 -3.33
CA LEU A 51 -10.53 -7.40 -2.81
C LEU A 51 -9.69 -6.71 -3.92
N ASP A 52 -9.73 -7.21 -5.15
CA ASP A 52 -9.10 -6.57 -6.36
C ASP A 52 -9.62 -5.12 -6.46
N ALA A 53 -10.94 -4.93 -6.40
CA ALA A 53 -11.59 -3.61 -6.45
C ALA A 53 -11.11 -2.74 -5.28
N LEU A 54 -11.06 -3.26 -4.06
CA LEU A 54 -10.79 -2.45 -2.84
C LEU A 54 -9.35 -1.95 -2.92
N ALA A 55 -8.43 -2.83 -3.33
CA ALA A 55 -7.00 -2.48 -3.44
C ALA A 55 -6.83 -1.29 -4.37
N VAL A 56 -7.57 -1.26 -5.47
CA VAL A 56 -7.43 -0.17 -6.48
C VAL A 56 -8.05 1.12 -5.91
N GLU A 57 -9.24 1.01 -5.31
CA GLU A 57 -9.95 2.21 -4.83
C GLU A 57 -9.26 2.81 -3.63
N ILE A 58 -8.70 1.97 -2.76
CA ILE A 58 -7.94 2.50 -1.60
C ILE A 58 -6.88 3.50 -2.11
N LEU A 59 -6.09 3.16 -3.13
CA LEU A 59 -5.01 4.06 -3.66
C LEU A 59 -5.63 5.24 -4.39
N ALA A 60 -6.77 5.02 -5.06
CA ALA A 60 -7.39 6.05 -5.91
C ALA A 60 -7.99 7.10 -4.99
N ARG A 61 -8.51 6.69 -3.84
CA ARG A 61 -9.15 7.63 -2.91
C ARG A 61 -8.11 8.30 -2.03
N HIS A 62 -7.05 7.61 -1.65
CA HIS A 62 -6.23 8.06 -0.50
C HIS A 62 -4.75 8.20 -0.83
N HIS A 63 -4.25 7.61 -1.92
CA HIS A 63 -2.80 7.70 -2.27
C HIS A 63 -2.63 8.95 -3.13
N ASP A 64 -2.44 10.12 -2.53
CA ASP A 64 -2.40 11.34 -3.36
C ASP A 64 -0.96 11.74 -3.80
N TYR A 65 0.09 10.94 -3.57
CA TYR A 65 1.44 11.30 -4.08
C TYR A 65 1.96 10.20 -5.00
N SER A 66 1.08 9.85 -5.96
CA SER A 66 1.28 8.84 -7.02
C SER A 66 2.31 9.36 -8.02
N LEU A 67 2.29 10.68 -8.24
CA LEU A 67 2.95 11.39 -9.34
C LEU A 67 3.92 12.40 -8.75
N PRO A 68 5.10 12.64 -9.38
CA PRO A 68 6.02 13.61 -8.85
C PRO A 68 5.49 15.02 -9.16
N ALA A 69 5.84 15.98 -8.30
CA ALA A 69 5.57 17.41 -8.55
C ALA A 69 6.48 17.87 -9.69
N ALA A 70 6.04 18.93 -10.39
CA ALA A 70 6.82 19.66 -11.40
C ALA A 70 8.21 19.91 -10.82
N GLY A 71 9.22 19.28 -11.41
CA GLY A 71 10.65 19.58 -11.15
C GLY A 71 11.14 18.97 -9.84
N GLU A 72 10.35 18.08 -9.25
CA GLU A 72 10.76 17.37 -8.02
C GLU A 72 11.95 16.46 -8.34
N SER A 73 12.86 16.32 -7.39
CA SER A 73 13.99 15.37 -7.48
C SER A 73 13.48 13.92 -7.41
N TRP A 74 14.15 12.95 -8.00
CA TRP A 74 13.72 11.54 -7.81
C TRP A 74 13.78 11.15 -6.30
N GLN A 75 14.75 11.72 -5.55
CA GLN A 75 14.93 11.46 -4.09
C GLN A 75 13.68 11.93 -3.37
N SER A 76 13.27 13.18 -3.60
CA SER A 76 12.06 13.76 -2.97
C SER A 76 10.81 12.97 -3.42
N PHE A 77 10.73 12.56 -4.68
CA PHE A 77 9.56 11.80 -5.15
C PHE A 77 9.49 10.45 -4.42
N LEU A 78 10.56 9.64 -4.38
CA LEU A 78 10.49 8.34 -3.65
C LEU A 78 10.09 8.58 -2.19
N ARG A 79 10.55 9.63 -1.53
CA ARG A 79 10.23 9.89 -0.08
C ARG A 79 8.72 10.12 0.09
N ASN A 80 8.20 11.13 -0.60
CA ASN A 80 6.77 11.52 -0.67
C ASN A 80 5.85 10.36 -1.09
N ASN A 81 6.22 9.64 -2.15
CA ASN A 81 5.46 8.50 -2.71
C ASN A 81 5.34 7.44 -1.60
N ALA A 82 6.45 7.15 -0.92
CA ALA A 82 6.50 6.06 0.06
C ALA A 82 5.61 6.48 1.22
N MET A 83 5.67 7.75 1.63
CA MET A 83 4.91 8.23 2.81
C MET A 83 3.41 8.14 2.49
N SER A 84 3.07 8.47 1.24
CA SER A 84 1.68 8.51 0.72
C SER A 84 1.14 7.09 0.68
N PHE A 85 1.95 6.15 0.17
CA PHE A 85 1.56 4.71 0.02
C PHE A 85 1.32 4.09 1.43
N ARG A 86 2.19 4.43 2.39
CA ARG A 86 2.09 3.97 3.80
C ARG A 86 0.80 4.47 4.39
N ARG A 87 0.52 5.77 4.30
CA ARG A 87 -0.73 6.39 4.84
C ARG A 87 -1.99 5.75 4.23
N ALA A 88 -1.99 5.54 2.91
CA ALA A 88 -3.11 4.92 2.18
C ALA A 88 -3.30 3.45 2.64
N LEU A 89 -2.23 2.67 2.84
CA LEU A 89 -2.32 1.28 3.32
C LEU A 89 -2.84 1.25 4.75
N LEU A 90 -2.40 2.16 5.61
CA LEU A 90 -2.83 2.19 7.03
C LEU A 90 -4.27 2.66 7.22
N ARG A 91 -4.91 3.25 6.22
N ARG A 91 -4.91 3.24 6.22
CA ARG A 91 -6.19 3.95 6.43
CA ARG A 91 -6.20 3.96 6.41
C ARG A 91 -7.31 2.94 6.76
C ARG A 91 -7.34 2.97 6.71
N TYR A 92 -7.25 1.72 6.23
CA TYR A 92 -8.24 0.64 6.47
C TYR A 92 -7.55 -0.51 7.17
N ARG A 93 -8.30 -1.18 8.06
CA ARG A 93 -7.95 -2.47 8.72
C ARG A 93 -7.47 -3.48 7.65
N ASP A 94 -6.32 -4.10 7.90
CA ASP A 94 -5.64 -5.06 6.98
C ASP A 94 -5.43 -4.46 5.60
N GLY A 95 -5.30 -3.14 5.49
CA GLY A 95 -5.03 -2.47 4.22
C GLY A 95 -3.90 -3.12 3.44
N ALA A 96 -2.81 -3.50 4.10
CA ALA A 96 -1.63 -4.05 3.36
C ALA A 96 -1.98 -5.44 2.79
N LYS A 97 -2.70 -6.26 3.54
CA LYS A 97 -3.13 -7.61 3.06
C LYS A 97 -4.07 -7.41 1.87
N VAL A 98 -4.92 -6.39 1.94
CA VAL A 98 -5.84 -6.07 0.80
C VAL A 98 -5.01 -5.71 -0.43
N HIS A 99 -3.99 -4.88 -0.25
CA HIS A 99 -3.09 -4.45 -1.34
C HIS A 99 -2.47 -5.67 -2.03
N LEU A 100 -1.80 -6.52 -1.24
CA LEU A 100 -0.91 -7.63 -1.66
C LEU A 100 -1.69 -8.61 -2.59
N GLY A 101 -2.95 -8.86 -2.30
CA GLY A 101 -3.72 -9.88 -3.05
C GLY A 101 -4.38 -9.33 -4.31
N ALA A 102 -3.65 -8.56 -5.14
CA ALA A 102 -4.26 -7.70 -6.18
C ALA A 102 -3.29 -7.32 -7.31
N ARG A 103 -3.87 -7.02 -8.48
CA ARG A 103 -3.16 -6.82 -9.77
C ARG A 103 -2.91 -5.32 -10.03
N PRO A 104 -1.64 -4.87 -10.29
CA PRO A 104 -1.40 -3.53 -10.82
C PRO A 104 -2.35 -3.40 -12.03
N ASP A 105 -3.49 -2.76 -11.77
CA ASP A 105 -4.76 -2.85 -12.54
C ASP A 105 -4.72 -1.92 -13.77
N GLU A 106 -5.46 -2.25 -14.84
CA GLU A 106 -5.68 -1.37 -16.03
C GLU A 106 -5.70 0.09 -15.57
N LYS A 107 -6.58 0.41 -14.62
CA LYS A 107 -6.90 1.80 -14.21
C LYS A 107 -5.65 2.57 -13.72
N GLN A 108 -4.67 1.86 -13.14
CA GLN A 108 -3.44 2.43 -12.50
C GLN A 108 -2.32 2.43 -13.55
N TYR A 109 -2.56 1.88 -14.73
CA TYR A 109 -1.50 1.43 -15.66
C TYR A 109 -0.55 2.59 -15.92
N ASP A 110 -1.15 3.72 -16.25
CA ASP A 110 -0.44 4.93 -16.70
C ASP A 110 0.23 5.61 -15.49
N THR A 111 -0.26 5.39 -14.25
CA THR A 111 0.35 5.98 -13.05
C THR A 111 1.72 5.30 -12.91
N VAL A 112 1.73 3.98 -12.82
CA VAL A 112 2.96 3.19 -12.57
C VAL A 112 3.89 3.36 -13.76
N GLU A 113 3.36 3.56 -14.99
CA GLU A 113 4.19 3.81 -16.21
C GLU A 113 4.92 5.14 -16.03
N THR A 114 4.18 6.16 -15.59
CA THR A 114 4.73 7.50 -15.38
C THR A 114 5.87 7.40 -14.35
N GLN A 115 5.72 6.55 -13.34
CA GLN A 115 6.71 6.49 -12.23
C GLN A 115 8.01 5.98 -12.83
N LEU A 116 7.92 4.93 -13.62
CA LEU A 116 9.08 4.25 -14.27
C LEU A 116 9.74 5.19 -15.28
N ARG A 117 8.96 5.92 -16.07
CA ARG A 117 9.49 6.87 -17.09
C ARG A 117 10.28 7.98 -16.37
N PHE A 118 9.69 8.58 -15.32
CA PHE A 118 10.29 9.58 -14.40
C PHE A 118 11.63 9.08 -13.84
N MET A 119 11.75 7.82 -13.39
CA MET A 119 13.04 7.27 -12.89
C MET A 119 14.05 7.23 -14.05
N THR A 120 13.63 6.76 -15.24
CA THR A 120 14.59 6.63 -16.37
C THR A 120 14.97 8.05 -16.84
N GLU A 121 14.09 9.05 -16.68
CA GLU A 121 14.38 10.44 -17.14
C GLU A 121 15.40 11.00 -16.15
N ASN A 122 15.53 10.41 -14.95
CA ASN A 122 16.44 10.94 -13.92
C ASN A 122 17.77 10.17 -13.88
N GLY A 123 18.02 9.33 -14.87
CA GLY A 123 19.35 8.74 -15.16
C GLY A 123 19.42 7.30 -14.73
N PHE A 124 18.35 6.75 -14.17
CA PHE A 124 18.25 5.29 -13.90
C PHE A 124 18.04 4.55 -15.23
N SER A 125 18.69 3.41 -15.40
CA SER A 125 18.22 2.35 -16.35
C SER A 125 16.76 1.95 -15.97
N LEU A 126 15.97 1.40 -16.88
CA LEU A 126 14.66 0.80 -16.50
C LEU A 126 14.86 -0.19 -15.35
N ARG A 127 15.84 -1.10 -15.40
CA ARG A 127 16.04 -2.18 -14.39
C ARG A 127 16.31 -1.56 -13.02
N ASP A 128 17.30 -0.69 -12.93
CA ASP A 128 17.69 -0.02 -11.67
C ASP A 128 16.56 0.90 -11.20
N GLY A 129 15.86 1.59 -12.09
CA GLY A 129 14.73 2.42 -11.64
C GLY A 129 13.66 1.52 -11.03
N LEU A 130 13.42 0.36 -11.62
CA LEU A 130 12.36 -0.60 -11.20
C LEU A 130 12.77 -1.21 -9.83
N TYR A 131 14.06 -1.56 -9.69
CA TYR A 131 14.64 -2.08 -8.43
C TYR A 131 14.46 -1.02 -7.30
N ALA A 132 14.65 0.27 -7.58
CA ALA A 132 14.46 1.31 -6.55
C ALA A 132 12.99 1.34 -6.14
N ILE A 133 12.10 1.40 -7.12
CA ILE A 133 10.65 1.56 -6.93
C ILE A 133 10.14 0.33 -6.17
N SER A 134 10.58 -0.86 -6.58
CA SER A 134 10.17 -2.15 -5.98
C SER A 134 10.70 -2.21 -4.55
N ALA A 135 11.97 -1.90 -4.32
CA ALA A 135 12.56 -1.89 -2.95
C ALA A 135 11.71 -1.04 -2.01
N VAL A 136 11.32 0.16 -2.43
CA VAL A 136 10.58 1.17 -1.61
C VAL A 136 9.21 0.59 -1.29
N SER A 137 8.63 0.01 -2.33
CA SER A 137 7.35 -0.69 -2.27
C SER A 137 7.42 -1.86 -1.28
N HIS A 138 8.37 -2.79 -1.42
CA HIS A 138 8.47 -3.96 -0.52
C HIS A 138 8.74 -3.56 0.93
N PHE A 139 9.73 -2.69 1.18
CA PHE A 139 10.06 -2.12 2.52
C PHE A 139 8.78 -1.53 3.14
N THR A 140 8.03 -0.76 2.36
CA THR A 140 6.87 0.01 2.87
C THR A 140 5.74 -1.00 3.21
N LEU A 141 5.48 -1.94 2.31
N LEU A 141 5.49 -1.94 2.31
CA LEU A 141 4.40 -2.95 2.56
CA LEU A 141 4.43 -2.96 2.55
C LEU A 141 4.81 -3.80 3.77
C LEU A 141 4.83 -3.79 3.77
N GLY A 142 6.10 -4.16 3.88
CA GLY A 142 6.60 -4.98 4.99
C GLY A 142 6.39 -4.27 6.31
N ALA A 143 6.78 -3.01 6.41
CA ALA A 143 6.55 -2.23 7.64
C ALA A 143 5.05 -2.22 7.93
N VAL A 144 4.22 -1.68 7.02
CA VAL A 144 2.77 -1.47 7.31
C VAL A 144 2.20 -2.80 7.79
N LEU A 145 2.48 -3.88 7.05
CA LEU A 145 1.95 -5.20 7.38
C LEU A 145 2.23 -5.53 8.85
N GLU A 146 3.47 -5.32 9.28
CA GLU A 146 3.96 -5.91 10.55
C GLU A 146 3.01 -5.52 11.67
N GLN A 147 2.89 -4.22 11.92
CA GLN A 147 1.72 -3.61 12.61
C GLN A 147 0.43 -4.41 12.38
N GLN A 148 -0.07 -4.40 11.15
CA GLN A 148 -1.50 -4.70 10.89
C GLN A 148 -1.75 -6.17 11.24
N GLU A 149 -0.86 -7.11 10.88
CA GLU A 149 -1.08 -8.56 11.21
C GLU A 149 -0.49 -8.84 12.59
N HIS A 150 0.34 -7.91 13.11
CA HIS A 150 0.65 -7.80 14.56
C HIS A 150 -0.65 -7.73 15.37
N THR A 151 -1.47 -6.69 15.13
CA THR A 151 -2.74 -6.41 15.87
C THR A 151 -3.73 -7.59 15.74
N ALA A 152 -3.82 -8.21 14.55
CA ALA A 152 -4.62 -9.43 14.22
C ALA A 152 -4.27 -10.58 15.18
N ALA A 153 -2.99 -10.86 15.36
CA ALA A 153 -2.49 -11.90 16.29
C ALA A 153 -3.06 -11.69 17.72
N LEU A 154 -3.05 -10.46 18.23
CA LEU A 154 -3.31 -10.19 19.68
C LEU A 154 -4.83 -10.14 19.98
N THR A 155 -5.68 -9.79 19.00
CA THR A 155 -7.16 -10.00 19.10
C THR A 155 -7.42 -11.51 19.09
N LEU A 165 11.68 -11.48 29.14
CA LEU A 165 12.33 -10.83 27.97
C LEU A 165 13.78 -10.51 28.29
N PRO A 166 14.72 -10.63 27.33
CA PRO A 166 16.09 -10.14 27.54
C PRO A 166 16.02 -8.63 27.36
N PRO A 167 16.99 -7.89 27.97
CA PRO A 167 16.87 -6.43 28.12
C PRO A 167 16.84 -5.59 26.84
N LEU A 168 17.69 -5.88 25.86
CA LEU A 168 17.71 -5.14 24.56
C LEU A 168 16.38 -5.34 23.80
N LEU A 169 15.94 -6.59 23.64
CA LEU A 169 14.61 -6.93 23.07
C LEU A 169 13.49 -6.20 23.86
N ARG A 170 13.61 -6.13 25.20
CA ARG A 170 12.64 -5.42 26.09
C ARG A 170 12.60 -3.93 25.72
N GLU A 171 13.77 -3.28 25.64
CA GLU A 171 13.82 -1.85 25.31
C GLU A 171 13.35 -1.63 23.86
N ALA A 172 13.68 -2.55 22.95
CA ALA A 172 13.41 -2.43 21.50
C ALA A 172 11.91 -2.55 21.20
N LEU A 173 11.21 -3.49 21.84
CA LEU A 173 9.72 -3.61 21.73
C LEU A 173 9.09 -2.34 22.33
N GLN A 174 9.65 -1.81 23.43
CA GLN A 174 9.22 -0.48 23.95
C GLN A 174 9.45 0.55 22.81
N ILE A 175 10.65 0.57 22.21
CA ILE A 175 10.98 1.55 21.14
C ILE A 175 10.02 1.37 19.97
N MET A 176 9.89 0.17 19.40
CA MET A 176 9.08 -0.07 18.17
C MET A 176 7.62 0.30 18.44
N ASP A 177 7.15 0.12 19.69
CA ASP A 177 5.79 0.47 20.18
C ASP A 177 5.81 1.73 21.07
N SER A 178 6.35 2.87 20.60
CA SER A 178 6.14 4.22 21.20
C SER A 178 5.38 5.12 20.22
N ASP A 179 5.73 5.10 18.93
CA ASP A 179 4.88 5.62 17.83
C ASP A 179 4.39 4.35 17.16
N ASP A 180 3.89 4.37 15.93
CA ASP A 180 3.40 3.08 15.37
C ASP A 180 4.29 2.65 14.19
N GLY A 181 5.60 2.58 14.43
CA GLY A 181 6.64 2.26 13.41
C GLY A 181 7.02 3.45 12.53
N GLU A 182 6.53 4.68 12.77
CA GLU A 182 6.78 5.84 11.85
C GLU A 182 8.29 6.20 11.80
N GLN A 183 8.87 6.49 12.96
CA GLN A 183 10.33 6.75 13.12
C GLN A 183 11.14 5.67 12.39
N ALA A 184 10.89 4.40 12.70
CA ALA A 184 11.70 3.30 12.13
C ALA A 184 11.46 3.31 10.61
N PHE A 185 10.21 3.55 10.20
CA PHE A 185 9.87 3.56 8.76
C PHE A 185 10.68 4.68 8.08
N LEU A 186 10.66 5.88 8.63
CA LEU A 186 11.24 7.12 8.01
C LEU A 186 12.78 7.00 7.95
N HIS A 187 13.37 6.36 8.95
CA HIS A 187 14.84 6.22 9.07
C HIS A 187 15.28 5.21 7.99
N GLY A 188 14.54 4.10 7.82
CA GLY A 188 14.89 3.10 6.78
C GLY A 188 14.67 3.70 5.40
N LEU A 189 13.63 4.50 5.25
CA LEU A 189 13.34 5.19 3.98
C LEU A 189 14.55 5.99 3.52
N GLU A 190 15.14 6.78 4.39
CA GLU A 190 16.35 7.60 4.09
C GLU A 190 17.53 6.72 3.75
N SER A 191 17.71 5.65 4.53
CA SER A 191 18.84 4.72 4.35
C SER A 191 18.78 4.16 2.91
N LEU A 192 17.58 3.76 2.51
CA LEU A 192 17.31 3.13 1.22
C LEU A 192 17.53 4.15 0.07
N ILE A 193 17.00 5.36 0.21
CA ILE A 193 17.15 6.42 -0.80
C ILE A 193 18.65 6.75 -0.95
N ARG A 194 19.41 6.92 0.15
CA ARG A 194 20.85 7.31 0.05
C ARG A 194 21.59 6.16 -0.63
N GLY A 195 21.22 4.92 -0.33
CA GLY A 195 21.74 3.73 -1.02
C GLY A 195 21.55 3.78 -2.53
N PHE A 196 20.35 4.16 -2.99
CA PHE A 196 20.08 4.24 -4.45
C PHE A 196 20.96 5.34 -5.07
N GLU A 197 21.07 6.47 -4.40
CA GLU A 197 21.82 7.64 -4.90
C GLU A 197 23.29 7.22 -4.97
N VAL A 198 23.83 6.52 -3.95
CA VAL A 198 25.25 6.03 -4.02
C VAL A 198 25.40 5.14 -5.26
N GLN A 199 24.46 4.23 -5.50
CA GLN A 199 24.49 3.32 -6.66
C GLN A 199 24.45 4.12 -7.97
N LEU A 200 23.58 5.11 -8.07
CA LEU A 200 23.29 5.88 -9.30
C LEU A 200 24.52 6.68 -9.68
N THR A 201 25.09 7.37 -8.66
CA THR A 201 26.24 8.27 -8.86
C THR A 201 27.47 7.50 -9.34
N ALA A 202 27.61 6.23 -8.93
CA ALA A 202 28.82 5.40 -9.17
C ALA A 202 29.01 5.09 -10.66
N LEU A 203 27.94 4.94 -11.44
CA LEU A 203 28.09 4.57 -12.87
C LEU A 203 28.82 3.20 -12.93
N LEU A 204 29.94 3.12 -13.65
CA LEU A 204 30.77 1.89 -13.78
C LEU A 204 31.94 1.81 -12.78
N GLN A 205 32.12 2.84 -11.93
N GLN A 205 32.11 2.84 -11.92
CA GLN A 205 33.15 2.81 -10.85
CA GLN A 205 33.10 2.85 -10.82
C GLN A 205 32.83 1.64 -9.91
C GLN A 205 32.83 1.64 -9.90
N ILE A 206 33.87 1.02 -9.38
CA ILE A 206 33.72 -0.01 -8.32
C ILE A 206 33.30 0.68 -7.03
N VAL A 207 32.27 0.18 -6.34
CA VAL A 207 31.68 0.98 -5.24
C VAL A 207 31.20 0.05 -4.12
C1 CTC B . 1.94 1.55 -6.91
O1 CTC B . 1.10 0.95 -7.58
C2 CTC B . 2.02 2.94 -6.81
C2' CTC B . 0.86 3.72 -7.24
O2' CTC B . 0.82 4.92 -7.10
N2' CTC B . -0.25 2.98 -7.82
C3 CTC B . 3.13 3.48 -6.22
O3 CTC B . 3.13 4.67 -5.68
C4 CTC B . 4.45 2.80 -6.15
N4 CTC B . 5.27 3.23 -4.97
C4' CTC B . 4.85 2.62 -3.71
C4D CTC B . 6.69 2.96 -5.18
C4A CTC B . 4.32 1.25 -6.31
C5 CTC B . 4.71 0.78 -7.70
C5A CTC B . 4.81 -0.73 -7.86
C6 CTC B . 5.02 -1.16 -9.35
O6 CTC B . 4.22 -0.43 -10.30
C6' CTC B . 6.49 -0.82 -9.57
C6A CTC B . 4.77 -2.64 -9.63
C7 CTC B . 5.32 -3.26 -10.76
CL7 CTC B . 6.27 -2.45 -11.98
C8 CTC B . 5.12 -4.61 -10.98
C9 CTC B . 4.41 -5.39 -10.09
C10 CTC B . 3.85 -4.80 -8.95
O10 CTC B . 3.16 -5.62 -8.11
C6B CTC B . 4.03 -3.42 -8.70
C11 CTC B . 3.41 -2.82 -7.52
O11 CTC B . 2.65 -3.54 -6.79
C5B CTC B . 3.60 -1.41 -7.24
C12 CTC B . 2.78 -0.76 -6.38
O12 CTC B . 1.83 -1.40 -5.69
C4B CTC B . 2.92 0.72 -6.05
O4B CTC B . 2.56 0.95 -4.69
MG MG C . 1.67 -3.27 -5.18
CL CL D . -29.17 0.00 -7.30
CL CL E . 13.11 18.16 -4.81
CL CL F . -20.55 4.20 -9.58
CL CL G . -17.01 -14.72 0.69
CL CL H . -20.11 -15.01 6.44
#